data_3WTQ
#
_entry.id   3WTQ
#
_cell.length_a   152.286
_cell.length_b   43.851
_cell.length_c   42.321
_cell.angle_alpha   90.00
_cell.angle_beta   96.18
_cell.angle_gamma   90.00
#
_symmetry.space_group_name_H-M   'C 1 2 1'
#
loop_
_entity.id
_entity.type
_entity.pdbx_description
1 polymer 'Vitamin D3 receptor'
2 polymer 'Mediator of RNA polymerase II transcription subunit 1'
3 non-polymer (1R,3R,7E,17beta)-17-[(2R,3S)-3-butyl-6-hydroxy-6-methylheptan-2-yl]-2-methylidene-9,10-secoestra-5,7-diene-1,3-diol
4 water water
#
loop_
_entity_poly.entity_id
_entity_poly.type
_entity_poly.pdbx_seq_one_letter_code
_entity_poly.pdbx_strand_id
1 'polypeptide(L)'
;GSHMGSPNSPLKDSLRPKLSEEQQHIIAILLDAHHKTYDPTYADFRDFRPPVRMDGSTGSVTLDLSPLSMLPHLADLVSY
SIQKVIGFAKMIPGFRDLTSDDQIVLLKSSAIEVIMLRSNQSFTMDDMSWDCGSQDYKYDVTDVSKAGHTLELIEPLIKF
QVGLKKLNLHEEEHVLLMAICIVSPDRPGVQDAKLVEAIQDRLSNTLQTYIRCRHPPPGSHQLYAKMIQKLADLRSLNEE
HSKQYRSLSFQPENSMKLTPLVLEVFGNEIS
;
A
2 'polypeptide(L)' KNHPMLMNLLKDN C
#
loop_
_chem_comp.id
_chem_comp.type
_chem_comp.name
_chem_comp.formula
YS9 non-polymer (1R,3R,7E,17beta)-17-[(2R,3S)-3-butyl-6-hydroxy-6-methylheptan-2-yl]-2-methylidene-9,10-secoestra-5,7-diene-1,3-diol 'C31 H52 O3'
#
# COMPACT_ATOMS: atom_id res chain seq x y z
N LYS A 18 -0.86 16.55 -22.31
CA LYS A 18 -0.75 15.67 -23.53
C LYS A 18 -0.54 14.17 -23.18
N LEU A 19 -1.64 13.52 -22.79
CA LEU A 19 -1.64 12.12 -22.34
C LEU A 19 -1.64 11.12 -23.52
N SER A 20 -0.58 10.33 -23.67
CA SER A 20 -0.53 9.44 -24.80
C SER A 20 -1.69 8.43 -24.66
N GLU A 21 -1.92 7.65 -25.72
CA GLU A 21 -2.99 6.65 -25.71
C GLU A 21 -2.59 5.52 -24.80
N GLU A 22 -1.30 5.15 -24.85
CA GLU A 22 -0.77 4.16 -23.93
C GLU A 22 -0.98 4.61 -22.46
N GLN A 23 -0.65 5.85 -22.15
CA GLN A 23 -0.79 6.38 -20.79
C GLN A 23 -2.22 6.36 -20.27
N GLN A 24 -3.16 6.65 -21.14
CA GLN A 24 -4.58 6.61 -20.80
C GLN A 24 -5.03 5.16 -20.58
N HIS A 25 -4.47 4.31 -21.43
CA HIS A 25 -4.59 2.87 -21.26
C HIS A 25 -4.08 2.39 -19.89
N ILE A 26 -2.85 2.74 -19.55
CA ILE A 26 -2.28 2.38 -18.24
C ILE A 26 -3.20 2.79 -17.10
N ILE A 27 -3.67 4.02 -17.15
CA ILE A 27 -4.56 4.51 -16.07
C ILE A 27 -5.87 3.73 -15.98
N ALA A 28 -6.51 3.54 -17.13
CA ALA A 28 -7.74 2.75 -17.17
C ALA A 28 -7.55 1.34 -16.56
N ILE A 29 -6.49 0.64 -16.94
CA ILE A 29 -6.18 -0.68 -16.34
C ILE A 29 -5.97 -0.59 -14.82
N LEU A 30 -5.22 0.40 -14.33
CA LEU A 30 -4.91 0.49 -12.87
C LEU A 30 -6.20 0.87 -12.05
N LEU A 31 -7.07 1.65 -12.65
CA LEU A 31 -8.36 1.98 -11.99
C LEU A 31 -9.25 0.75 -11.84
N ASP A 32 -9.37 -0.01 -12.93
CA ASP A 32 -10.19 -1.23 -12.93
C ASP A 32 -9.59 -2.25 -11.96
N ALA A 33 -8.25 -2.38 -11.97
CA ALA A 33 -7.60 -3.36 -11.13
C ALA A 33 -7.86 -3.04 -9.63
N HIS A 34 -7.85 -1.76 -9.31
CA HIS A 34 -8.10 -1.33 -7.96
C HIS A 34 -9.55 -1.56 -7.60
N HIS A 35 -10.46 -1.28 -8.52
CA HIS A 35 -11.88 -1.49 -8.27
C HIS A 35 -12.15 -2.97 -8.02
N LYS A 36 -11.48 -3.84 -8.74
CA LYS A 36 -11.69 -5.24 -8.56
C LYS A 36 -11.08 -5.77 -7.28
N THR A 37 -10.05 -5.10 -6.75
CA THR A 37 -9.35 -5.56 -5.55
C THR A 37 -9.60 -4.73 -4.29
N TYR A 38 -10.49 -3.77 -4.38
CA TYR A 38 -10.80 -2.93 -3.23
C TYR A 38 -12.32 -2.68 -3.14
N ASP A 39 -12.94 -3.30 -2.16
CA ASP A 39 -14.37 -3.24 -1.94
C ASP A 39 -14.68 -2.13 -0.94
N PRO A 40 -15.17 -0.99 -1.42
CA PRO A 40 -15.49 0.09 -0.49
C PRO A 40 -16.64 -0.27 0.49
N THR A 41 -17.32 -1.41 0.35
CA THR A 41 -18.33 -1.84 1.39
C THR A 41 -17.71 -2.65 2.51
N TYR A 42 -16.50 -3.18 2.33
CA TYR A 42 -15.89 -3.94 3.41
C TYR A 42 -16.65 -5.18 3.86
N ALA A 43 -17.37 -5.79 2.94
CA ALA A 43 -18.27 -6.89 3.28
C ALA A 43 -17.53 -8.12 3.79
N ASP A 44 -16.37 -8.40 3.20
CA ASP A 44 -15.54 -9.56 3.58
C ASP A 44 -15.03 -9.52 4.99
N PHE A 45 -15.09 -8.37 5.65
CA PHE A 45 -14.53 -8.15 6.99
C PHE A 45 -15.23 -8.98 8.04
N ARG A 46 -16.44 -9.41 7.72
CA ARG A 46 -17.20 -10.31 8.59
C ARG A 46 -16.57 -11.72 8.70
N ASP A 47 -15.76 -12.10 7.71
CA ASP A 47 -15.07 -13.42 7.74
C ASP A 47 -13.79 -13.48 8.59
N PHE A 48 -13.35 -12.33 9.09
CA PHE A 48 -12.20 -12.28 9.96
C PHE A 48 -12.62 -12.72 11.36
N ARG A 49 -11.66 -13.22 12.11
CA ARG A 49 -11.83 -13.43 13.51
C ARG A 49 -12.22 -12.10 14.11
N PRO A 50 -13.13 -12.14 15.11
CA PRO A 50 -13.79 -10.93 15.53
C PRO A 50 -12.86 -9.92 16.21
N PRO A 51 -13.10 -8.62 15.99
CA PRO A 51 -12.29 -7.66 16.74
C PRO A 51 -12.59 -7.76 18.28
N VAL A 52 -11.58 -7.52 19.13
CA VAL A 52 -11.76 -7.51 20.60
C VAL A 52 -11.07 -6.29 21.22
N ARG A 53 -11.86 -5.40 21.82
CA ARG A 53 -11.34 -4.16 22.45
C ARG A 53 -11.51 -4.07 23.99
N MET A 54 -11.71 -5.22 24.65
CA MET A 54 -11.84 -5.29 26.14
C MET A 54 -12.10 -3.95 26.84
N SER A 66 -7.54 -6.44 26.41
CA SER A 66 -6.37 -7.12 26.95
C SER A 66 -5.18 -6.85 26.03
N PRO A 67 -4.01 -7.50 26.28
CA PRO A 67 -2.92 -7.17 25.41
C PRO A 67 -2.95 -8.14 24.25
N LEU A 68 -2.81 -7.60 23.05
CA LEU A 68 -2.86 -8.38 21.80
C LEU A 68 -4.25 -8.85 21.40
N SER A 69 -5.27 -8.24 22.00
CA SER A 69 -6.63 -8.68 21.77
C SER A 69 -7.19 -8.35 20.39
N MET A 70 -6.73 -7.26 19.80
CA MET A 70 -6.99 -6.97 18.35
C MET A 70 -6.06 -7.72 17.38
N LEU A 71 -5.05 -8.39 17.88
CA LEU A 71 -4.12 -9.06 16.94
C LEU A 71 -4.76 -10.05 15.98
N PRO A 72 -5.56 -10.99 16.46
CA PRO A 72 -6.20 -11.94 15.51
C PRO A 72 -7.02 -11.25 14.42
N HIS A 73 -7.84 -10.29 14.79
CA HIS A 73 -8.63 -9.61 13.78
C HIS A 73 -7.78 -8.83 12.80
N LEU A 74 -6.82 -8.08 13.32
CA LEU A 74 -5.97 -7.23 12.49
C LEU A 74 -4.98 -8.06 11.64
N ALA A 75 -4.51 -9.18 12.16
CA ALA A 75 -3.68 -10.08 11.33
C ALA A 75 -4.52 -10.61 10.16
N ASP A 76 -5.80 -10.86 10.39
CA ASP A 76 -6.69 -11.36 9.35
C ASP A 76 -6.87 -10.30 8.28
N LEU A 77 -7.01 -9.07 8.74
CA LEU A 77 -7.26 -8.01 7.89
C LEU A 77 -5.96 -7.79 7.06
N VAL A 78 -4.83 -7.93 7.68
CA VAL A 78 -3.58 -7.76 6.95
C VAL A 78 -3.46 -8.87 5.88
N SER A 79 -3.78 -10.09 6.27
CA SER A 79 -3.63 -11.25 5.38
C SER A 79 -4.50 -11.12 4.19
N TYR A 80 -5.75 -10.72 4.41
CA TYR A 80 -6.65 -10.43 3.35
C TYR A 80 -6.09 -9.36 2.44
N SER A 81 -5.61 -8.27 3.04
CA SER A 81 -5.14 -7.12 2.29
C SER A 81 -3.87 -7.54 1.50
N ILE A 82 -3.09 -8.44 2.03
CA ILE A 82 -1.93 -8.95 1.17
C ILE A 82 -2.46 -9.63 -0.13
N GLN A 83 -3.50 -10.47 -0.01
CA GLN A 83 -4.07 -11.12 -1.18
C GLN A 83 -4.54 -10.09 -2.18
N LYS A 84 -5.25 -9.07 -1.69
CA LYS A 84 -5.78 -8.09 -2.58
C LYS A 84 -4.66 -7.25 -3.29
N VAL A 85 -3.60 -6.97 -2.57
CA VAL A 85 -2.50 -6.25 -3.14
C VAL A 85 -1.84 -7.13 -4.19
N ILE A 86 -1.70 -8.43 -3.94
CA ILE A 86 -1.10 -9.32 -4.95
C ILE A 86 -1.95 -9.27 -6.24
N GLY A 87 -3.27 -9.21 -6.08
CA GLY A 87 -4.19 -9.26 -7.20
C GLY A 87 -4.17 -7.95 -7.99
N PHE A 88 -3.87 -6.84 -7.28
CA PHE A 88 -3.65 -5.55 -7.93
C PHE A 88 -2.38 -5.60 -8.72
N ALA A 89 -1.31 -6.10 -8.07
CA ALA A 89 0.03 -6.05 -8.68
C ALA A 89 0.05 -6.75 -10.04
N LYS A 90 -0.66 -7.87 -10.12
CA LYS A 90 -0.66 -8.72 -11.31
C LYS A 90 -1.26 -8.03 -12.51
N MET A 91 -2.12 -7.06 -12.25
CA MET A 91 -2.70 -6.25 -13.31
C MET A 91 -1.84 -5.09 -13.76
N ILE A 92 -0.69 -4.83 -13.13
CA ILE A 92 0.14 -3.66 -13.47
C ILE A 92 0.82 -3.95 -14.79
N PRO A 93 0.58 -3.09 -15.80
CA PRO A 93 1.18 -3.40 -17.09
C PRO A 93 2.68 -3.56 -16.98
N GLY A 94 3.20 -4.67 -17.52
CA GLY A 94 4.63 -5.01 -17.50
C GLY A 94 5.01 -5.92 -16.36
N PHE A 95 4.18 -6.00 -15.32
CA PHE A 95 4.55 -6.74 -14.11
C PHE A 95 4.71 -8.23 -14.42
N ARG A 96 3.83 -8.73 -15.28
CA ARG A 96 3.83 -10.15 -15.67
C ARG A 96 5.10 -10.54 -16.41
N ASP A 97 5.75 -9.58 -17.08
CA ASP A 97 7.03 -9.84 -17.77
C ASP A 97 8.22 -10.03 -16.84
N LEU A 98 8.05 -9.75 -15.56
CA LEU A 98 9.14 -9.95 -14.62
C LEU A 98 9.26 -11.41 -14.32
N THR A 99 10.42 -11.81 -13.82
CA THR A 99 10.56 -13.19 -13.37
C THR A 99 9.70 -13.41 -12.13
N SER A 100 9.26 -14.65 -11.98
CA SER A 100 8.57 -15.05 -10.80
C SER A 100 9.32 -14.62 -9.52
N ASP A 101 10.61 -14.90 -9.46
CA ASP A 101 11.43 -14.53 -8.29
C ASP A 101 11.43 -13.01 -8.00
N ASP A 102 11.43 -12.23 -9.07
CA ASP A 102 11.53 -10.81 -8.92
C ASP A 102 10.13 -10.30 -8.46
N GLN A 103 9.07 -10.91 -9.02
CA GLN A 103 7.70 -10.62 -8.62
C GLN A 103 7.56 -10.87 -7.14
N ILE A 104 8.12 -11.99 -6.68
CA ILE A 104 8.08 -12.33 -5.26
C ILE A 104 8.80 -11.28 -4.43
N VAL A 105 10.02 -10.92 -4.84
CA VAL A 105 10.82 -9.95 -4.09
C VAL A 105 10.09 -8.61 -3.97
N LEU A 106 9.46 -8.16 -5.05
CA LEU A 106 8.73 -6.88 -5.09
C LEU A 106 7.48 -6.84 -4.20
N LEU A 107 6.76 -7.94 -4.19
CA LEU A 107 5.56 -8.02 -3.37
C LEU A 107 5.82 -8.13 -1.89
N LYS A 108 6.81 -8.92 -1.56
CA LYS A 108 7.20 -9.15 -0.21
C LYS A 108 7.72 -7.89 0.50
N SER A 109 8.42 -7.04 -0.25
CA SER A 109 8.97 -5.83 0.31
C SER A 109 7.96 -4.66 0.34
N SER A 110 7.02 -4.69 -0.58
CA SER A 110 6.07 -3.56 -0.74
C SER A 110 4.75 -3.79 -0.08
N ALA A 111 4.48 -5.01 0.36
CA ALA A 111 3.20 -5.44 0.82
C ALA A 111 2.68 -4.54 1.94
N ILE A 112 3.49 -4.37 2.98
CA ILE A 112 3.09 -3.51 4.08
C ILE A 112 2.85 -2.03 3.64
N GLU A 113 3.73 -1.55 2.78
CA GLU A 113 3.64 -0.19 2.21
C GLU A 113 2.38 0.01 1.42
N VAL A 114 2.04 -0.97 0.55
CA VAL A 114 0.75 -0.83 -0.21
C VAL A 114 -0.47 -0.94 0.67
N ILE A 115 -0.40 -1.80 1.67
CA ILE A 115 -1.46 -1.86 2.65
C ILE A 115 -1.58 -0.50 3.32
N MET A 116 -0.44 0.10 3.68
CA MET A 116 -0.50 1.45 4.22
C MET A 116 -1.14 2.45 3.29
N LEU A 117 -0.71 2.39 2.03
CA LEU A 117 -1.19 3.31 1.02
C LEU A 117 -2.66 3.10 0.78
N ARG A 118 -3.05 1.84 0.59
CA ARG A 118 -4.41 1.52 0.19
C ARG A 118 -5.32 1.82 1.37
N SER A 119 -4.81 1.68 2.60
CA SER A 119 -5.56 2.03 3.82
C SER A 119 -6.04 3.51 3.87
N ASN A 120 -5.43 4.40 3.11
CA ASN A 120 -5.78 5.81 3.15
C ASN A 120 -7.22 6.08 2.78
N GLN A 121 -7.78 5.24 1.89
CA GLN A 121 -9.18 5.33 1.47
C GLN A 121 -10.18 5.16 2.60
N SER A 122 -9.86 4.35 3.58
CA SER A 122 -10.73 4.19 4.76
C SER A 122 -10.33 5.18 5.85
N PHE A 123 -9.10 5.66 5.85
CA PHE A 123 -8.64 6.61 6.86
C PHE A 123 -9.42 7.93 6.80
N THR A 124 -9.84 8.39 7.98
CA THR A 124 -10.62 9.65 8.12
C THR A 124 -9.94 10.60 9.08
N MET A 125 -9.79 11.84 8.62
CA MET A 125 -9.19 12.91 9.41
C MET A 125 -10.04 13.22 10.68
N ASP A 126 -11.35 13.08 10.62
CA ASP A 126 -12.16 13.49 11.77
C ASP A 126 -11.72 12.75 13.00
N ASP A 127 -11.79 11.42 12.93
CA ASP A 127 -11.52 10.52 14.06
C ASP A 127 -10.03 10.19 14.22
N MET A 128 -9.19 10.58 13.26
CA MET A 128 -7.82 10.05 13.14
C MET A 128 -7.82 8.51 13.15
N SER A 129 -8.75 7.94 12.41
CA SER A 129 -8.94 6.53 12.45
C SER A 129 -9.30 6.01 11.05
N TRP A 130 -9.21 4.69 10.93
CA TRP A 130 -9.62 4.02 9.71
C TRP A 130 -11.07 3.50 9.87
N ASP A 131 -11.95 3.99 9.00
CA ASP A 131 -13.37 3.75 9.12
C ASP A 131 -13.90 2.81 8.05
N CYS A 132 -14.05 1.55 8.43
CA CYS A 132 -14.51 0.56 7.47
C CYS A 132 -16.05 0.27 7.51
N GLY A 133 -16.86 1.30 7.81
CA GLY A 133 -18.34 1.26 7.63
C GLY A 133 -19.16 0.76 8.81
N SER A 134 -18.49 0.52 9.94
CA SER A 134 -19.04 -0.12 11.14
C SER A 134 -18.22 0.31 12.33
N GLN A 135 -18.89 0.45 13.46
CA GLN A 135 -18.16 0.59 14.71
C GLN A 135 -17.14 -0.57 15.02
N ASP A 136 -17.52 -1.81 14.75
CA ASP A 136 -16.65 -2.98 14.99
C ASP A 136 -15.44 -2.93 14.07
N TYR A 137 -15.65 -2.45 12.86
CA TYR A 137 -14.57 -2.25 11.86
C TYR A 137 -14.16 -0.79 11.72
N LYS A 138 -14.01 -0.09 12.85
CA LYS A 138 -13.41 1.22 12.86
C LYS A 138 -12.15 1.18 13.72
N TYR A 139 -10.99 1.50 13.15
CA TYR A 139 -9.71 1.27 13.88
C TYR A 139 -9.00 2.55 14.27
N ASP A 140 -8.66 2.67 15.56
CA ASP A 140 -7.91 3.83 16.10
C ASP A 140 -6.57 3.41 16.68
N VAL A 141 -5.86 4.39 17.21
CA VAL A 141 -4.51 4.18 17.70
C VAL A 141 -4.44 3.09 18.76
N THR A 142 -5.50 3.00 19.56
CA THR A 142 -5.55 2.07 20.68
C THR A 142 -5.78 0.66 20.18
N ASP A 143 -6.58 0.53 19.12
CA ASP A 143 -6.75 -0.77 18.46
C ASP A 143 -5.45 -1.27 17.87
N VAL A 144 -4.66 -0.37 17.30
CA VAL A 144 -3.38 -0.75 16.71
C VAL A 144 -2.42 -1.12 17.80
N SER A 145 -2.45 -0.37 18.89
CA SER A 145 -1.76 -0.73 20.13
C SER A 145 -2.10 -2.19 20.58
N LYS A 146 -3.38 -2.59 20.52
CA LYS A 146 -3.84 -3.94 20.85
C LYS A 146 -3.40 -4.98 19.83
N ALA A 147 -2.72 -4.54 18.78
CA ALA A 147 -2.13 -5.44 17.79
C ALA A 147 -0.73 -5.79 18.20
N GLY A 148 -0.25 -5.16 19.28
CA GLY A 148 1.13 -5.38 19.78
C GLY A 148 2.23 -4.49 19.23
N HIS A 149 1.87 -3.39 18.58
CA HIS A 149 2.86 -2.47 18.10
C HIS A 149 2.88 -1.23 19.01
N THR A 150 4.09 -0.70 19.25
CA THR A 150 4.33 0.56 20.02
C THR A 150 3.98 1.89 19.29
N LEU A 151 3.97 2.98 20.05
CA LEU A 151 3.65 4.30 19.53
C LEU A 151 4.78 4.79 18.62
N GLU A 152 5.98 4.28 18.86
CA GLU A 152 7.12 4.57 18.00
C GLU A 152 6.86 4.28 16.51
N LEU A 153 6.15 3.17 16.26
CA LEU A 153 5.62 2.88 14.92
C LEU A 153 4.29 3.56 14.65
N ILE A 154 3.36 3.45 15.59
CA ILE A 154 2.01 3.94 15.30
C ILE A 154 1.95 5.46 15.05
N GLU A 155 2.69 6.27 15.80
CA GLU A 155 2.59 7.70 15.62
C GLU A 155 2.93 8.11 14.18
N PRO A 156 4.11 7.73 13.64
CA PRO A 156 4.44 8.09 12.24
C PRO A 156 3.48 7.50 11.19
N LEU A 157 2.93 6.31 11.46
CA LEU A 157 1.87 5.74 10.65
C LEU A 157 0.65 6.67 10.50
N ILE A 158 0.16 7.19 11.61
CA ILE A 158 -1.01 8.10 11.55
C ILE A 158 -0.61 9.42 10.89
N LYS A 159 0.56 9.94 11.23
CA LYS A 159 1.06 11.15 10.54
C LYS A 159 1.15 10.93 9.04
N PHE A 160 1.53 9.74 8.65
CA PHE A 160 1.62 9.42 7.21
C PHE A 160 0.27 9.52 6.59
N GLN A 161 -0.69 8.88 7.23
CA GLN A 161 -2.07 8.90 6.74
C GLN A 161 -2.59 10.35 6.61
N VAL A 162 -2.30 11.18 7.60
CA VAL A 162 -2.79 12.57 7.55
C VAL A 162 -2.14 13.29 6.36
N GLY A 163 -0.81 13.26 6.26
CA GLY A 163 -0.19 13.91 5.11
C GLY A 163 -0.60 13.38 3.74
N LEU A 164 -0.85 12.07 3.63
CA LEU A 164 -1.28 11.51 2.37
C LEU A 164 -2.70 11.97 2.07
N LYS A 165 -3.55 11.93 3.11
CA LYS A 165 -4.95 12.34 2.94
C LYS A 165 -5.00 13.79 2.47
N LYS A 166 -4.23 14.67 3.09
CA LYS A 166 -4.13 16.12 2.66
C LYS A 166 -3.70 16.28 1.19
N LEU A 167 -2.90 15.39 0.63
CA LEU A 167 -2.58 15.51 -0.80
C LEU A 167 -3.85 15.46 -1.69
N ASN A 168 -4.92 14.90 -1.16
CA ASN A 168 -6.21 14.83 -1.82
C ASN A 168 -6.13 14.24 -3.22
N LEU A 169 -5.44 13.10 -3.33
CA LEU A 169 -5.09 12.59 -4.66
C LEU A 169 -6.32 12.20 -5.43
N HIS A 170 -6.28 12.38 -6.75
CA HIS A 170 -7.25 11.78 -7.63
C HIS A 170 -7.03 10.27 -7.64
N GLU A 171 -8.11 9.50 -7.73
CA GLU A 171 -7.99 8.07 -7.71
C GLU A 171 -6.93 7.57 -8.72
N GLU A 172 -6.82 8.21 -9.90
CA GLU A 172 -5.76 7.87 -10.89
C GLU A 172 -4.34 8.03 -10.30
N GLU A 173 -4.15 9.10 -9.52
CA GLU A 173 -2.86 9.32 -8.89
C GLU A 173 -2.58 8.26 -7.85
N HIS A 174 -3.62 7.93 -7.10
CA HIS A 174 -3.56 6.95 -6.02
C HIS A 174 -3.18 5.57 -6.53
N VAL A 175 -3.83 5.14 -7.61
CA VAL A 175 -3.58 3.82 -8.15
C VAL A 175 -2.19 3.76 -8.76
N LEU A 176 -1.79 4.85 -9.37
CA LEU A 176 -0.43 4.98 -9.91
C LEU A 176 0.62 4.96 -8.85
N LEU A 177 0.36 5.66 -7.74
CA LEU A 177 1.32 5.65 -6.62
C LEU A 177 1.54 4.22 -6.05
N MET A 178 0.46 3.46 -5.94
CA MET A 178 0.54 2.08 -5.48
C MET A 178 1.40 1.20 -6.39
N ALA A 179 1.14 1.33 -7.67
CA ALA A 179 1.83 0.54 -8.67
C ALA A 179 3.31 0.94 -8.68
N ILE A 180 3.61 2.24 -8.61
CA ILE A 180 5.01 2.71 -8.53
C ILE A 180 5.76 2.17 -7.30
N CYS A 181 5.06 2.08 -6.16
CA CYS A 181 5.63 1.57 -4.93
C CYS A 181 5.99 0.12 -5.07
N ILE A 182 5.14 -0.62 -5.79
CA ILE A 182 5.35 -2.08 -5.94
C ILE A 182 6.58 -2.34 -6.89
N VAL A 183 6.60 -1.65 -8.02
CA VAL A 183 7.67 -1.89 -9.03
C VAL A 183 8.87 -0.96 -8.75
N SER A 184 9.58 -1.17 -7.63
CA SER A 184 10.73 -0.33 -7.32
C SER A 184 11.98 -1.16 -7.58
N PRO A 185 12.89 -0.61 -8.36
CA PRO A 185 14.20 -1.22 -8.63
C PRO A 185 15.02 -1.32 -7.35
N ASP A 186 14.88 -0.31 -6.50
CA ASP A 186 15.63 -0.25 -5.26
C ASP A 186 14.93 -1.08 -4.20
N ARG A 187 14.97 -2.39 -4.39
CA ARG A 187 14.48 -3.34 -3.40
C ARG A 187 15.54 -4.42 -3.21
N PRO A 188 15.80 -4.79 -1.88
CA PRO A 188 16.88 -5.80 -1.77
C PRO A 188 16.52 -7.13 -2.42
N GLY A 189 17.52 -7.77 -3.03
CA GLY A 189 17.35 -9.08 -3.62
C GLY A 189 16.78 -9.13 -5.02
N VAL A 190 16.56 -7.98 -5.63
CA VAL A 190 16.08 -7.93 -7.01
C VAL A 190 17.15 -8.45 -7.95
N GLN A 191 16.74 -9.22 -8.96
CA GLN A 191 17.70 -9.78 -9.95
C GLN A 191 17.80 -8.85 -11.15
N ASP A 192 16.65 -8.48 -11.70
CA ASP A 192 16.65 -7.64 -12.90
C ASP A 192 16.23 -6.16 -12.67
N ALA A 193 17.01 -5.45 -11.87
CA ALA A 193 16.76 -4.04 -11.55
C ALA A 193 16.45 -3.16 -12.75
N LYS A 194 17.17 -3.37 -13.83
CA LYS A 194 16.96 -2.61 -15.05
C LYS A 194 15.57 -2.81 -15.65
N LEU A 195 15.03 -4.04 -15.66
CA LEU A 195 13.68 -4.21 -16.21
C LEU A 195 12.61 -3.60 -15.28
N VAL A 196 12.86 -3.76 -13.99
CA VAL A 196 11.94 -3.21 -13.00
C VAL A 196 11.88 -1.70 -13.18
N GLU A 197 13.06 -1.07 -13.30
CA GLU A 197 13.19 0.39 -13.55
C GLU A 197 12.43 0.85 -14.77
N ALA A 198 12.54 0.14 -15.87
CA ALA A 198 11.83 0.52 -17.09
C ALA A 198 10.31 0.36 -16.96
N ILE A 199 9.87 -0.63 -16.18
CA ILE A 199 8.42 -0.74 -15.89
C ILE A 199 7.96 0.50 -15.08
N GLN A 200 8.61 0.74 -13.96
CA GLN A 200 8.32 1.91 -13.12
C GLN A 200 8.34 3.24 -13.85
N ASP A 201 9.40 3.44 -14.62
CA ASP A 201 9.57 4.66 -15.39
C ASP A 201 8.31 4.99 -16.21
N ARG A 202 7.76 4.00 -16.89
CA ARG A 202 6.57 4.23 -17.67
C ARG A 202 5.37 4.60 -16.78
N LEU A 203 5.31 4.04 -15.58
CA LEU A 203 4.28 4.46 -14.64
C LEU A 203 4.56 5.85 -14.10
N SER A 204 5.83 6.16 -13.81
CA SER A 204 6.24 7.50 -13.28
C SER A 204 5.91 8.60 -14.32
N ASN A 205 6.30 8.37 -15.58
CA ASN A 205 5.97 9.26 -16.69
C ASN A 205 4.48 9.44 -16.88
N THR A 206 3.75 8.36 -16.74
CA THR A 206 2.28 8.41 -16.81
C THR A 206 1.70 9.28 -15.68
N LEU A 207 2.24 9.11 -14.47
CA LEU A 207 1.77 9.89 -13.31
C LEU A 207 2.09 11.38 -13.47
N GLN A 208 3.34 11.66 -13.80
CA GLN A 208 3.83 13.04 -14.00
C GLN A 208 2.98 13.75 -15.04
N THR A 209 2.69 13.04 -16.12
CA THR A 209 1.96 13.66 -17.22
C THR A 209 0.49 13.83 -16.82
N TYR A 210 -0.03 12.88 -16.08
CA TYR A 210 -1.37 12.97 -15.57
C TYR A 210 -1.52 14.15 -14.63
N ILE A 211 -0.55 14.32 -13.74
N ILE A 211 -0.52 14.34 -13.78
CA ILE A 211 -0.65 15.45 -12.79
CA ILE A 211 -0.56 15.43 -12.80
C ILE A 211 -0.67 16.77 -13.57
C ILE A 211 -0.59 16.78 -13.50
N ARG A 212 0.20 16.89 -14.57
N ARG A 212 0.20 16.91 -14.57
CA ARG A 212 0.33 18.13 -15.34
CA ARG A 212 0.31 18.17 -15.27
C ARG A 212 -0.93 18.38 -16.16
C ARG A 212 -1.02 18.63 -15.86
N CYS A 213 -1.36 17.37 -16.89
N CYS A 213 -1.76 17.70 -16.47
CA CYS A 213 -2.46 17.52 -17.83
CA CYS A 213 -3.07 18.02 -16.98
C CYS A 213 -3.84 17.42 -17.15
C CYS A 213 -4.03 18.40 -15.86
N ARG A 214 -4.01 16.51 -16.22
N ARG A 214 -4.01 17.59 -14.79
CA ARG A 214 -5.33 16.26 -15.59
CA ARG A 214 -4.83 17.83 -13.61
C ARG A 214 -5.55 16.86 -14.18
C ARG A 214 -4.50 19.10 -12.83
N HIS A 215 -4.50 17.44 -13.63
N HIS A 215 -3.20 19.36 -12.65
CA HIS A 215 -4.58 18.00 -12.29
CA HIS A 215 -2.73 20.50 -11.86
C HIS A 215 -4.51 19.50 -12.38
C HIS A 215 -1.77 21.41 -12.61
N PRO A 216 -5.53 20.14 -11.82
N PRO A 216 -2.05 22.78 -12.57
CA PRO A 216 -5.61 21.62 -11.76
CA PRO A 216 -1.08 23.61 -13.30
C PRO A 216 -4.83 22.24 -10.59
C PRO A 216 0.27 23.80 -12.59
N PRO A 217 -4.10 23.39 -10.84
N PRO A 217 1.38 24.06 -13.43
CA PRO A 217 -3.63 24.17 -9.68
CA PRO A 217 2.60 24.38 -12.66
C PRO A 217 -4.82 24.55 -8.78
C PRO A 217 2.47 25.75 -12.00
N PRO A 218 -4.59 24.80 -7.46
N PRO A 218 3.19 26.07 -10.83
CA PRO A 218 -3.30 24.66 -6.72
CA PRO A 218 4.28 25.14 -10.49
C PRO A 218 -2.99 23.21 -6.24
C PRO A 218 3.86 24.07 -9.50
N GLY A 219 -4.01 22.35 -6.27
N GLY A 219 2.56 23.99 -9.25
CA GLY A 219 -3.86 20.96 -5.91
CA GLY A 219 2.01 23.02 -8.33
C GLY A 219 -2.63 20.27 -6.51
C GLY A 219 2.30 21.61 -8.81
N SER A 220 -2.33 20.57 -7.78
N SER A 220 2.39 21.45 -10.13
CA SER A 220 -1.19 19.98 -8.55
CA SER A 220 2.53 20.13 -10.73
C SER A 220 0.27 20.44 -8.25
C SER A 220 3.77 19.36 -10.28
N HIS A 221 0.45 21.50 -7.47
N HIS A 221 4.93 20.03 -10.19
CA HIS A 221 1.80 22.10 -7.40
CA HIS A 221 6.08 19.33 -9.63
C HIS A 221 2.65 21.26 -6.49
C HIS A 221 5.92 19.10 -8.13
N GLN A 222 3.79 20.79 -7.04
N GLN A 222 5.33 20.08 -7.44
CA GLN A 222 4.74 20.00 -6.28
CA GLN A 222 5.18 19.99 -6.00
C GLN A 222 4.08 18.76 -5.77
C GLN A 222 4.34 18.78 -5.62
N LEU A 223 2.97 18.40 -6.42
N LEU A 223 3.27 18.53 -6.38
CA LEU A 223 2.28 17.23 -6.08
CA LEU A 223 2.44 17.36 -6.14
C LEU A 223 3.19 15.99 -6.33
C LEU A 223 3.20 16.06 -6.36
N TYR A 224 3.90 15.92 -7.46
N TYR A 224 4.02 16.01 -7.41
CA TYR A 224 4.82 14.76 -7.71
CA TYR A 224 4.80 14.81 -7.71
C TYR A 224 5.94 14.60 -6.68
C TYR A 224 5.93 14.60 -6.71
N ALA A 225 6.60 15.69 -6.36
CA ALA A 225 7.65 15.67 -5.38
C ALA A 225 7.12 15.21 -4.03
N LYS A 226 5.88 15.62 -3.66
CA LYS A 226 5.27 15.17 -2.43
C LYS A 226 4.88 13.69 -2.50
N MET A 227 4.42 13.24 -3.64
CA MET A 227 4.09 11.81 -3.78
C MET A 227 5.36 10.99 -3.68
N ILE A 228 6.45 11.47 -4.27
CA ILE A 228 7.75 10.80 -4.18
C ILE A 228 8.21 10.74 -2.73
N GLN A 229 8.00 11.82 -1.98
CA GLN A 229 8.41 11.85 -0.58
C GLN A 229 7.64 10.78 0.27
N LYS A 230 6.36 10.55 -0.04
CA LYS A 230 5.56 9.53 0.66
C LYS A 230 6.18 8.15 0.42
N LEU A 231 6.56 7.88 -0.78
CA LEU A 231 7.36 6.61 -1.01
C LEU A 231 8.56 6.49 -0.10
N ALA A 232 9.29 7.57 0.11
CA ALA A 232 10.39 7.54 1.12
C ALA A 232 9.89 7.35 2.55
N ASP A 233 8.78 7.96 2.92
CA ASP A 233 8.24 7.77 4.26
C ASP A 233 7.84 6.32 4.45
N LEU A 234 7.28 5.71 3.40
CA LEU A 234 6.84 4.33 3.49
C LEU A 234 8.03 3.41 3.83
N ARG A 235 9.19 3.68 3.22
CA ARG A 235 10.36 2.83 3.44
C ARG A 235 10.77 2.86 4.91
N SER A 236 10.69 4.03 5.52
CA SER A 236 11.03 4.17 6.94
C SER A 236 10.03 3.46 7.84
N LEU A 237 8.74 3.56 7.51
CA LEU A 237 7.73 2.83 8.23
C LEU A 237 7.92 1.35 8.05
N ASN A 238 8.32 0.95 6.86
CA ASN A 238 8.54 -0.44 6.56
C ASN A 238 9.67 -1.00 7.47
N GLU A 239 10.76 -0.27 7.56
CA GLU A 239 11.88 -0.62 8.48
C GLU A 239 11.46 -0.80 9.91
N GLU A 240 10.72 0.16 10.42
CA GLU A 240 10.26 0.09 11.80
C GLU A 240 9.29 -1.09 11.99
N HIS A 241 8.51 -1.41 10.95
CA HIS A 241 7.52 -2.49 11.07
C HIS A 241 8.29 -3.80 11.16
N SER A 242 9.26 -3.96 10.28
CA SER A 242 9.96 -5.23 10.27
C SER A 242 10.60 -5.48 11.64
N LYS A 243 11.18 -4.45 12.24
CA LYS A 243 11.71 -4.54 13.61
C LYS A 243 10.69 -4.93 14.65
N GLN A 244 9.56 -4.23 14.73
CA GLN A 244 8.57 -4.59 15.74
C GLN A 244 7.96 -5.94 15.38
N TYR A 245 7.93 -6.30 14.09
CA TYR A 245 7.34 -7.57 13.68
C TYR A 245 8.25 -8.71 14.13
N ARG A 246 9.56 -8.53 14.04
CA ARG A 246 10.49 -9.56 14.56
C ARG A 246 10.31 -9.80 16.05
N SER A 247 9.97 -8.73 16.77
CA SER A 247 9.83 -8.75 18.23
C SER A 247 8.52 -9.45 18.61
N LEU A 248 7.45 -8.99 17.99
CA LEU A 248 6.15 -9.63 18.10
C LEU A 248 6.27 -11.12 17.72
N SER A 249 6.85 -11.41 16.55
CA SER A 249 6.78 -12.74 15.93
C SER A 249 7.76 -13.70 16.62
N PHE A 250 8.89 -13.16 17.04
CA PHE A 250 9.87 -13.91 17.85
C PHE A 250 9.22 -14.77 18.94
N GLN A 251 8.22 -14.25 19.64
CA GLN A 251 7.49 -15.13 20.56
C GLN A 251 6.62 -16.08 19.74
N PRO A 252 6.67 -17.37 20.05
CA PRO A 252 5.82 -18.34 19.37
C PRO A 252 4.31 -18.17 19.68
N GLU A 253 3.96 -17.72 20.88
CA GLU A 253 2.54 -17.56 21.22
C GLU A 253 1.86 -16.55 20.29
N ASN A 254 2.58 -15.48 19.97
CA ASN A 254 2.08 -14.37 19.17
C ASN A 254 2.03 -14.72 17.71
N SER A 255 3.09 -15.39 17.27
CA SER A 255 3.20 -15.94 15.95
C SER A 255 2.01 -16.83 15.61
N MET A 256 1.57 -17.62 16.56
CA MET A 256 0.37 -18.47 16.43
C MET A 256 -0.91 -17.67 16.08
N LYS A 257 -0.91 -16.38 16.36
CA LYS A 257 -2.09 -15.54 16.14
C LYS A 257 -2.13 -14.98 14.72
N LEU A 258 -1.08 -15.25 13.96
CA LEU A 258 -0.92 -14.70 12.64
C LEU A 258 -1.51 -15.72 11.66
N THR A 259 -1.44 -15.43 10.37
CA THR A 259 -1.99 -16.31 9.36
C THR A 259 -0.77 -16.88 8.63
N PRO A 260 -0.94 -17.98 7.91
CA PRO A 260 0.13 -18.61 7.16
C PRO A 260 0.69 -17.67 6.10
N LEU A 261 -0.15 -16.88 5.43
CA LEU A 261 0.35 -15.95 4.41
C LEU A 261 1.14 -14.83 5.04
N VAL A 262 0.63 -14.26 6.14
CA VAL A 262 1.36 -13.19 6.88
C VAL A 262 2.78 -13.69 7.34
N LEU A 263 2.85 -14.91 7.83
CA LEU A 263 4.14 -15.51 8.25
C LEU A 263 5.09 -15.69 7.05
N GLU A 264 4.53 -16.14 5.93
CA GLU A 264 5.36 -16.34 4.74
C GLU A 264 5.82 -14.95 4.26
N VAL A 265 4.91 -13.99 4.22
CA VAL A 265 5.25 -12.75 3.56
C VAL A 265 6.20 -11.90 4.42
N PHE A 266 5.86 -11.74 5.69
CA PHE A 266 6.64 -10.89 6.59
C PHE A 266 7.88 -11.59 7.14
N GLY A 267 7.70 -12.80 7.66
CA GLY A 267 8.81 -13.56 8.18
C GLY A 267 8.42 -14.52 9.30
N ASN A 268 9.41 -15.20 9.85
CA ASN A 268 9.17 -16.16 10.92
C ASN A 268 10.47 -16.81 11.41
N LYS B 1 11.67 -18.58 -3.39
CA LYS B 1 12.56 -19.36 -2.44
C LYS B 1 11.89 -19.58 -1.10
N ASN B 2 11.20 -20.72 -0.96
CA ASN B 2 10.35 -20.98 0.22
C ASN B 2 9.14 -20.01 0.29
N HIS B 3 8.46 -19.78 -0.85
CA HIS B 3 7.25 -18.93 -0.84
C HIS B 3 6.10 -19.49 -1.64
N PRO B 4 5.67 -20.71 -1.26
CA PRO B 4 4.64 -21.40 -2.01
C PRO B 4 3.33 -20.65 -2.13
N MET B 5 2.89 -19.99 -1.06
CA MET B 5 1.60 -19.29 -1.08
C MET B 5 1.68 -18.08 -1.96
N LEU B 6 2.73 -17.28 -1.77
CA LEU B 6 2.87 -16.09 -2.56
C LEU B 6 2.98 -16.48 -4.04
N MET B 7 3.75 -17.50 -4.32
CA MET B 7 3.94 -17.92 -5.72
C MET B 7 2.62 -18.36 -6.36
N ASN B 8 1.88 -19.22 -5.66
CA ASN B 8 0.54 -19.62 -6.10
C ASN B 8 -0.41 -18.44 -6.43
N LEU B 9 -0.48 -17.43 -5.54
CA LEU B 9 -1.32 -16.25 -5.77
C LEU B 9 -0.88 -15.40 -6.97
N LEU B 10 0.43 -15.42 -7.27
CA LEU B 10 0.98 -14.60 -8.34
C LEU B 10 0.74 -15.24 -9.66
N LYS B 11 0.91 -16.55 -9.72
CA LYS B 11 0.53 -17.37 -10.87
C LYS B 11 1.51 -18.49 -10.96
O30 YS9 C . 2.82 -6.69 12.07
C27 YS9 C . 1.38 -6.94 11.82
C29 YS9 C . 0.72 -7.26 13.18
C28 YS9 C . 1.27 -8.11 10.88
C26 YS9 C . 0.71 -5.72 11.16
C25 YS9 C . 0.97 -4.44 11.94
C20 YS9 C . 0.35 -3.14 11.33
C21 YS9 C . 0.68 -1.98 12.26
C22 YS9 C . 2.02 -1.39 11.90
C23 YS9 C . 1.93 -0.63 10.58
C24 YS9 C . 3.23 -0.59 9.83
C18 YS9 C . -1.15 -3.25 11.05
C19 YS9 C . -1.84 -3.67 12.37
C17 YS9 C . -1.70 -1.98 10.38
C16 YS9 C . -1.20 -1.71 8.94
C15 YS9 C . -2.37 -1.07 8.15
C13 YS9 C . -3.24 -1.89 10.26
C14 YS9 C . -3.39 -0.76 9.25
C34 YS9 C . -3.82 -3.22 9.83
C12 YS9 C . -3.98 -1.43 11.50
C11 YS9 C . -5.48 -1.20 11.20
C10 YS9 C . -5.68 -0.16 10.13
C9 YS9 C . -4.85 -0.55 8.90
C8 YS9 C . -5.32 -0.71 7.66
C7 YS9 C . -6.73 -0.63 7.29
C6 YS9 C . -7.23 -1.14 6.13
C1 YS9 C . -8.71 -1.04 5.88
C2 YS9 C . -9.05 -0.80 4.41
O32 YS9 C . -8.67 0.46 3.94
C5 YS9 C . -6.32 -1.73 5.06
C4 YS9 C . -6.82 -1.86 3.62
O31 YS9 C . -6.45 -3.17 3.05
C3 YS9 C . -8.33 -1.82 3.62
C33 YS9 C . -9.00 -2.71 2.98
#